data_8GFE
#
_entry.id   8GFE
#
_cell.length_a   175.474
_cell.length_b   175.474
_cell.length_c   175.474
_cell.angle_alpha   90.000
_cell.angle_beta   90.000
_cell.angle_gamma   90.000
#
_symmetry.space_group_name_H-M   'I 2 3'
#
loop_
_entity.id
_entity.type
_entity.pdbx_description
1 polymer 'Lytic transglycosylase domain-containing protein'
2 non-polymer ~{N}-[(2~{R},3~{R},4~{R},5~{S},6~{R})-6-(hydroxymethyl)-4,5-bis(oxidanyl)-2-[(4-oxidanylidene-3~{H}-pyrido[1,2-a]pyrimidin-2-yl)methoxy]oxan-3-yl]ethanamide
3 non-polymer 'CITRIC ACID'
4 non-polymer 'DIMETHYL SULFOXIDE'
5 water water
#
_entity_poly.entity_id   1
_entity_poly.type   'polypeptide(L)'
_entity_poly.pdbx_seq_one_letter_code
;MGSSHHHHHHSSGLVPRGSHMQYSIEKLKKEENSLAKDYYIYRLLEKNKISKKDAQDLNSHIFRYIGKIKSELEKIIPLK
PYINPKYAKCYTYTANTILDANLTCQSVRLNSLVFIASLNSKDRTTLAQTFKNQRPDLTNLLLAFNTSDPMSYIVQKEDI
NGFFKLYNYSKKYDLDLNTSLVNKLPNHIGFKDFAQNIIIKKENPKFRHSMLEINPENVSEDSAFYLGVNALTYDKTELA
YDFFKKAAQSFKSQSNKDNAIFWMWLIKNNEEDLKTLSQSSSLNIYSLYAKELTNTPFPKIESLNPSKKKNNFNMQDPFA
WQKINKQIRDANASQLDVLAKEFDTQETLPIYAYILERKNNFKKHYFIMPYYDNIKDYNKTRQALILAIARQESRFIPTA
ISVSYALGMMQFMPFLANHIGEKELKIPNFDQDFMFKPEIAYYFGNYHLNYLESRLKSPLFVAYAYNGGIGFTNRMLARN
DMFKTGKFEPFLSMELVPYQESRIYGKKVLANYIVYRHLLNDSIKISDIFENLIQNKANDLNKS
;
_entity_poly.pdbx_strand_id   A
#
# COMPACT_ATOMS: atom_id res chain seq x y z
N GLN A 22 16.85 11.98 -25.73
CA GLN A 22 16.22 12.38 -24.43
C GLN A 22 16.02 13.89 -24.40
N TYR A 23 15.12 14.34 -23.52
CA TYR A 23 14.80 15.74 -23.35
C TYR A 23 15.79 16.35 -22.36
N SER A 24 16.24 17.58 -22.67
CA SER A 24 17.18 18.34 -21.84
C SER A 24 16.44 18.97 -20.65
N ILE A 25 17.20 19.47 -19.67
CA ILE A 25 16.60 20.02 -18.47
C ILE A 25 15.77 21.27 -18.80
N GLU A 26 16.19 22.06 -19.79
CA GLU A 26 15.49 23.27 -20.19
C GLU A 26 14.13 22.93 -20.79
N LYS A 27 14.07 21.79 -21.50
CA LYS A 27 12.86 21.35 -22.18
C LYS A 27 11.88 20.70 -21.19
N LEU A 28 12.42 20.04 -20.14
CA LEU A 28 11.62 19.54 -19.04
C LEU A 28 10.98 20.68 -18.26
N LYS A 29 11.74 21.76 -18.05
CA LYS A 29 11.31 22.89 -17.24
C LYS A 29 10.08 23.57 -17.84
N LYS A 30 9.82 23.39 -19.13
CA LYS A 30 8.65 23.99 -19.78
C LYS A 30 7.40 23.09 -19.69
N GLU A 31 7.53 21.89 -19.11
CA GLU A 31 6.40 20.98 -18.91
C GLU A 31 5.83 21.18 -17.51
N GLU A 32 4.52 20.91 -17.33
CA GLU A 32 3.86 20.94 -16.03
C GLU A 32 4.53 19.92 -15.12
N ASN A 33 4.61 20.24 -13.83
CA ASN A 33 5.01 19.26 -12.84
C ASN A 33 4.09 18.05 -13.01
N SER A 34 4.70 16.84 -12.85
CA SER A 34 4.01 15.57 -12.90
C SER A 34 5.00 14.49 -12.50
N LEU A 35 4.52 13.25 -12.35
CA LEU A 35 5.43 12.15 -12.07
C LEU A 35 6.33 11.88 -13.28
N ALA A 36 5.82 12.14 -14.49
CA ALA A 36 6.59 11.97 -15.72
C ALA A 36 7.84 12.85 -15.70
N LYS A 37 7.63 14.16 -15.47
CA LYS A 37 8.69 15.13 -15.30
C LYS A 37 9.65 14.71 -14.21
N ASP A 38 9.15 14.31 -13.03
CA ASP A 38 10.02 13.81 -11.98
C ASP A 38 10.93 12.71 -12.51
N TYR A 39 10.32 11.73 -13.20
CA TYR A 39 11.00 10.57 -13.72
C TYR A 39 12.23 10.99 -14.53
N TYR A 40 11.96 11.85 -15.53
CA TYR A 40 12.95 12.37 -16.47
C TYR A 40 14.01 13.26 -15.81
N ILE A 41 13.64 14.06 -14.81
CA ILE A 41 14.62 14.79 -14.02
C ILE A 41 15.49 13.79 -13.26
N TYR A 42 14.88 12.75 -12.71
CA TYR A 42 15.61 11.73 -12.00
C TYR A 42 16.65 11.08 -12.91
N ARG A 43 16.27 10.88 -14.18
CA ARG A 43 17.10 10.16 -15.12
C ARG A 43 18.34 10.98 -15.48
N LEU A 44 18.17 12.29 -15.68
CA LEU A 44 19.30 13.21 -15.75
C LEU A 44 20.15 13.12 -14.49
N LEU A 45 19.51 13.13 -13.31
CA LEU A 45 20.29 13.09 -12.09
C LEU A 45 21.19 11.87 -12.04
N GLU A 46 20.65 10.68 -12.34
CA GLU A 46 21.36 9.43 -12.07
C GLU A 46 22.48 9.21 -13.11
N LYS A 47 22.36 9.86 -14.28
CA LYS A 47 23.39 9.91 -15.29
C LYS A 47 24.25 11.17 -15.14
N ASN A 48 24.13 11.86 -13.98
CA ASN A 48 24.95 13.00 -13.58
C ASN A 48 24.96 14.08 -14.66
N LYS A 49 23.80 14.41 -15.23
CA LYS A 49 23.71 15.42 -16.28
C LYS A 49 23.13 16.73 -15.76
N ILE A 50 22.98 16.85 -14.44
CA ILE A 50 22.51 18.08 -13.82
C ILE A 50 23.69 18.74 -13.11
N SER A 51 24.11 19.92 -13.59
CA SER A 51 25.13 20.73 -12.93
C SER A 51 24.57 21.40 -11.67
N LYS A 52 25.48 21.91 -10.84
CA LYS A 52 25.13 22.66 -9.63
C LYS A 52 24.27 23.85 -10.01
N LYS A 53 24.53 24.44 -11.18
CA LYS A 53 23.81 25.62 -11.66
C LYS A 53 22.43 25.26 -12.21
N ASP A 54 22.27 24.05 -12.77
CA ASP A 54 20.98 23.61 -13.26
C ASP A 54 20.05 23.29 -12.09
N ALA A 55 20.65 22.77 -11.03
CA ALA A 55 19.95 22.30 -9.86
C ALA A 55 19.50 23.44 -8.93
N GLN A 56 19.64 24.72 -9.32
CA GLN A 56 19.38 25.81 -8.39
C GLN A 56 17.88 25.96 -8.18
N ASP A 57 17.12 26.22 -9.25
CA ASP A 57 15.72 26.60 -9.10
C ASP A 57 14.81 25.35 -9.16
N LEU A 58 15.37 24.19 -8.83
CA LEU A 58 14.90 22.93 -9.38
C LEU A 58 13.76 22.32 -8.56
N ASN A 59 13.78 22.44 -7.22
CA ASN A 59 12.74 21.82 -6.40
C ASN A 59 11.47 22.67 -6.40
N SER A 60 11.38 23.65 -7.31
CA SER A 60 10.12 24.23 -7.72
C SER A 60 9.55 23.49 -8.93
N HIS A 61 10.32 22.55 -9.50
CA HIS A 61 9.94 21.83 -10.71
C HIS A 61 9.65 20.35 -10.43
N ILE A 62 9.75 19.95 -9.17
CA ILE A 62 9.58 18.56 -8.77
C ILE A 62 8.17 18.40 -8.20
N PHE A 63 7.33 17.61 -8.89
CA PHE A 63 5.96 17.35 -8.51
C PHE A 63 5.84 16.72 -7.13
N ARG A 64 6.76 15.82 -6.78
CA ARG A 64 6.68 15.10 -5.52
C ARG A 64 8.10 14.85 -5.02
N TYR A 65 8.51 15.63 -4.01
CA TYR A 65 9.90 15.71 -3.61
C TYR A 65 10.16 14.72 -2.48
N ILE A 66 10.05 13.41 -2.79
CA ILE A 66 10.30 12.36 -1.80
C ILE A 66 11.21 11.32 -2.45
N GLY A 67 11.84 10.48 -1.63
CA GLY A 67 12.46 9.25 -2.12
C GLY A 67 13.84 9.48 -2.72
N LYS A 68 14.09 8.90 -3.89
CA LYS A 68 15.42 8.84 -4.46
C LYS A 68 15.78 10.16 -5.15
N ILE A 69 14.79 10.84 -5.77
CA ILE A 69 15.00 12.11 -6.42
C ILE A 69 15.41 13.16 -5.40
N LYS A 70 14.95 12.98 -4.15
CA LYS A 70 15.37 13.77 -3.00
C LYS A 70 16.84 13.46 -2.67
N SER A 71 17.14 12.19 -2.39
CA SER A 71 18.51 11.75 -2.16
C SER A 71 19.48 12.30 -3.20
N GLU A 72 19.08 12.23 -4.47
CA GLU A 72 20.00 12.49 -5.58
C GLU A 72 20.25 13.99 -5.69
N LEU A 73 19.18 14.78 -5.56
CA LEU A 73 19.28 16.22 -5.70
C LEU A 73 20.03 16.82 -4.50
N GLU A 74 19.99 16.17 -3.34
CA GLU A 74 20.67 16.63 -2.13
C GLU A 74 22.12 16.12 -2.04
N LYS A 75 22.58 15.35 -3.02
CA LYS A 75 24.00 15.05 -3.14
C LYS A 75 24.71 16.19 -3.86
N ILE A 76 23.94 17.01 -4.58
CA ILE A 76 24.42 18.16 -5.33
C ILE A 76 24.31 19.41 -4.46
N ILE A 77 23.08 19.69 -4.00
CA ILE A 77 22.79 20.82 -3.13
C ILE A 77 22.17 20.27 -1.85
N PRO A 78 22.96 19.97 -0.78
CA PRO A 78 22.39 19.49 0.48
C PRO A 78 21.54 20.60 1.09
N LEU A 79 20.38 20.27 1.67
CA LEU A 79 19.52 21.30 2.25
C LEU A 79 19.96 21.58 3.69
N LYS A 80 20.19 22.88 3.97
CA LYS A 80 20.43 23.34 5.33
C LYS A 80 19.18 23.12 6.17
N PRO A 81 18.00 23.63 5.75
CA PRO A 81 16.78 23.58 6.57
C PRO A 81 16.39 22.18 7.08
N TYR A 82 15.33 22.09 7.90
CA TYR A 82 14.57 23.23 8.38
C TYR A 82 14.25 23.09 9.85
N ILE A 83 14.64 24.13 10.62
CA ILE A 83 14.25 24.30 12.01
C ILE A 83 13.72 25.72 12.16
N ASN A 84 12.51 25.82 12.73
CA ASN A 84 11.74 27.06 12.82
C ASN A 84 12.62 28.19 13.38
N PRO A 85 12.68 29.38 12.73
CA PRO A 85 13.46 30.50 13.28
C PRO A 85 13.09 30.95 14.70
N LYS A 86 11.90 30.57 15.18
CA LYS A 86 11.43 30.96 16.51
C LYS A 86 12.15 30.18 17.61
N TYR A 87 12.45 28.89 17.37
CA TYR A 87 13.03 28.02 18.40
C TYR A 87 14.51 27.71 18.11
N ALA A 88 15.16 28.54 17.29
CA ALA A 88 16.52 28.25 16.84
C ALA A 88 17.46 28.22 18.04
N LYS A 89 17.22 29.15 18.98
CA LYS A 89 17.91 29.21 20.25
C LYS A 89 17.89 27.85 20.96
N CYS A 90 16.77 27.14 20.86
CA CYS A 90 16.48 25.98 21.70
C CYS A 90 17.29 24.77 21.26
N TYR A 91 17.81 24.79 20.03
CA TYR A 91 18.60 23.69 19.51
C TYR A 91 20.09 24.01 19.62
N THR A 92 20.47 24.85 20.59
CA THR A 92 21.87 25.15 20.89
C THR A 92 22.22 24.67 22.29
N TYR A 93 21.29 23.91 22.91
CA TYR A 93 21.51 23.29 24.20
C TYR A 93 21.61 21.79 23.99
N THR A 94 22.26 21.11 24.92
CA THR A 94 22.33 19.65 24.96
C THR A 94 21.92 19.19 26.36
N ALA A 95 21.85 17.87 26.54
CA ALA A 95 21.52 17.23 27.81
C ALA A 95 22.39 17.75 28.97
N ASN A 96 23.53 18.37 28.65
CA ASN A 96 24.43 18.94 29.64
C ASN A 96 24.04 20.36 30.04
N THR A 97 23.43 21.13 29.11
CA THR A 97 23.21 22.55 29.35
C THR A 97 21.71 22.87 29.39
N ILE A 98 20.86 21.86 29.60
CA ILE A 98 19.42 22.01 29.39
C ILE A 98 18.80 22.80 30.56
N LEU A 99 19.36 22.63 31.77
CA LEU A 99 18.90 23.40 32.92
C LEU A 99 19.28 24.89 32.83
N ASP A 100 20.07 25.28 31.81
CA ASP A 100 20.37 26.68 31.54
C ASP A 100 19.40 27.22 30.48
N ALA A 101 18.46 26.39 30.02
CA ALA A 101 17.55 26.78 28.96
C ALA A 101 16.28 27.38 29.58
N ASN A 102 15.69 28.37 28.90
CA ASN A 102 14.44 28.94 29.38
C ASN A 102 13.37 27.86 29.28
N LEU A 103 12.17 28.13 29.78
CA LEU A 103 11.18 27.08 30.06
C LEU A 103 10.53 26.57 28.77
N THR A 104 10.42 27.45 27.75
CA THR A 104 9.96 27.08 26.44
C THR A 104 10.95 26.11 25.79
N CYS A 105 12.22 26.53 25.73
CA CYS A 105 13.28 25.69 25.20
C CYS A 105 13.28 24.31 25.85
N GLN A 106 13.13 24.28 27.18
CA GLN A 106 13.11 23.03 27.91
C GLN A 106 11.98 22.15 27.36
N SER A 107 10.78 22.71 27.15
CA SER A 107 9.63 21.91 26.78
C SER A 107 9.73 21.41 25.33
N VAL A 108 10.32 22.25 24.46
CA VAL A 108 10.50 21.91 23.06
C VAL A 108 11.40 20.66 22.95
N ARG A 109 12.61 20.74 23.51
CA ARG A 109 13.57 19.66 23.45
C ARG A 109 13.05 18.38 24.10
N LEU A 110 12.10 18.48 25.04
CA LEU A 110 11.60 17.31 25.76
C LEU A 110 10.50 16.59 24.96
N ASN A 111 10.22 17.09 23.74
CA ASN A 111 9.47 16.34 22.75
C ASN A 111 10.15 15.05 22.29
N SER A 112 11.49 14.96 22.38
CA SER A 112 12.20 13.78 21.92
C SER A 112 12.48 12.84 23.10
N LEU A 113 12.03 11.59 22.98
CA LEU A 113 12.31 10.60 24.01
C LEU A 113 13.78 10.19 24.05
N VAL A 114 14.48 10.33 22.92
CA VAL A 114 15.93 10.13 22.92
C VAL A 114 16.60 11.23 23.75
N PHE A 115 16.24 12.50 23.52
CA PHE A 115 16.74 13.57 24.37
C PHE A 115 16.57 13.21 25.85
N ILE A 116 15.34 12.78 26.24
CA ILE A 116 15.01 12.51 27.63
C ILE A 116 15.87 11.37 28.18
N ALA A 117 16.02 10.32 27.36
CA ALA A 117 16.89 9.19 27.68
C ALA A 117 18.33 9.67 27.90
N SER A 118 18.73 10.70 27.15
CA SER A 118 20.11 11.17 27.20
C SER A 118 20.39 11.88 28.52
N LEU A 119 19.36 12.45 29.17
CA LEU A 119 19.57 13.24 30.38
C LEU A 119 20.02 12.33 31.51
N ASN A 120 20.67 12.92 32.52
CA ASN A 120 20.91 12.16 33.75
C ASN A 120 19.71 12.33 34.67
N SER A 121 19.64 11.44 35.66
CA SER A 121 18.41 11.16 36.37
C SER A 121 18.09 12.28 37.35
N LYS A 122 19.11 13.03 37.75
CA LYS A 122 18.97 14.19 38.62
C LYS A 122 18.23 15.30 37.86
N ASP A 123 18.67 15.57 36.62
CA ASP A 123 18.06 16.57 35.77
C ASP A 123 16.63 16.16 35.43
N ARG A 124 16.37 14.85 35.29
CA ARG A 124 15.02 14.38 34.99
C ARG A 124 14.10 14.64 36.18
N THR A 125 14.62 14.43 37.40
CA THR A 125 13.88 14.64 38.64
C THR A 125 13.53 16.13 38.77
N THR A 126 14.50 17.00 38.45
CA THR A 126 14.29 18.45 38.52
C THR A 126 13.27 18.91 37.50
N LEU A 127 13.53 18.61 36.23
CA LEU A 127 12.64 18.97 35.14
C LEU A 127 11.23 18.41 35.39
N ALA A 128 11.13 17.26 36.07
CA ALA A 128 9.84 16.64 36.31
C ALA A 128 9.02 17.46 37.32
N GLN A 129 9.68 18.01 38.34
CA GLN A 129 9.04 18.90 39.29
C GLN A 129 8.57 20.18 38.60
N THR A 130 9.35 20.67 37.64
CA THR A 130 9.05 21.93 36.96
C THR A 130 7.75 21.80 36.17
N PHE A 131 7.44 20.59 35.67
CA PHE A 131 6.41 20.46 34.65
C PHE A 131 5.15 19.79 35.21
N LYS A 132 5.19 19.30 36.45
CA LYS A 132 4.07 18.55 37.02
C LYS A 132 2.76 19.36 36.96
N ASN A 133 2.84 20.69 37.00
CA ASN A 133 1.66 21.54 36.92
C ASN A 133 1.17 21.59 35.47
N GLN A 134 2.01 22.14 34.60
CA GLN A 134 1.62 22.53 33.25
C GLN A 134 1.59 21.31 32.31
N ARG A 135 2.67 20.51 32.33
CA ARG A 135 2.86 19.45 31.35
C ARG A 135 3.12 18.11 32.05
N PRO A 136 2.10 17.50 32.70
CA PRO A 136 2.32 16.23 33.42
C PRO A 136 2.57 15.04 32.49
N ASP A 137 2.29 15.24 31.19
CA ASP A 137 2.75 14.34 30.14
C ASP A 137 4.29 14.25 30.17
N LEU A 138 4.95 15.42 30.23
CA LEU A 138 6.40 15.48 30.31
C LEU A 138 6.86 14.86 31.63
N THR A 139 6.25 15.29 32.73
CA THR A 139 6.57 14.76 34.05
C THR A 139 6.63 13.24 34.02
N ASN A 140 5.61 12.61 33.42
CA ASN A 140 5.46 11.16 33.46
C ASN A 140 6.57 10.46 32.66
N LEU A 141 6.93 11.03 31.50
CA LEU A 141 7.98 10.45 30.68
C LEU A 141 9.35 10.62 31.37
N LEU A 142 9.62 11.85 31.83
CA LEU A 142 10.79 12.16 32.65
C LEU A 142 10.95 11.17 33.80
N LEU A 143 9.89 10.97 34.59
CA LEU A 143 10.02 10.07 35.72
C LEU A 143 10.11 8.63 35.23
N ALA A 144 9.55 8.37 34.05
CA ALA A 144 9.54 7.01 33.52
C ALA A 144 10.96 6.54 33.19
N PHE A 145 11.77 7.46 32.62
CA PHE A 145 13.14 7.16 32.23
C PHE A 145 14.10 7.14 33.41
N ASN A 146 13.60 7.38 34.64
CA ASN A 146 14.34 7.16 35.87
C ASN A 146 14.08 5.76 36.43
N THR A 147 13.46 4.91 35.63
CA THR A 147 13.19 3.53 36.02
C THR A 147 13.88 2.61 35.01
N SER A 148 14.04 1.33 35.37
CA SER A 148 14.58 0.36 34.44
C SER A 148 13.59 0.03 33.31
N ASP A 149 12.27 0.27 33.50
CA ASP A 149 11.24 -0.01 32.50
C ASP A 149 10.28 1.16 32.36
N PRO A 150 10.52 2.11 31.44
CA PRO A 150 9.62 3.25 31.23
C PRO A 150 8.18 2.90 30.88
N MET A 151 7.99 1.82 30.10
CA MET A 151 6.69 1.50 29.55
C MET A 151 5.77 1.17 30.72
N SER A 152 6.32 0.45 31.68
CA SER A 152 5.58 -0.04 32.81
C SER A 152 5.09 1.13 33.67
N TYR A 153 5.91 2.18 33.74
CA TYR A 153 5.56 3.36 34.50
C TYR A 153 4.39 4.09 33.84
N ILE A 154 4.53 4.35 32.53
CA ILE A 154 3.52 4.98 31.69
C ILE A 154 2.20 4.18 31.67
N VAL A 155 2.30 2.85 31.64
CA VAL A 155 1.13 2.00 31.63
C VAL A 155 0.35 2.15 32.94
N GLN A 156 1.07 2.09 34.07
CA GLN A 156 0.51 2.30 35.40
C GLN A 156 -0.17 3.67 35.49
N LYS A 157 0.40 4.73 34.88
CA LYS A 157 -0.27 6.04 34.88
C LYS A 157 -1.41 6.10 33.87
N GLU A 158 -1.57 5.05 33.05
CA GLU A 158 -2.49 5.03 31.91
C GLU A 158 -2.39 6.33 31.10
N ASP A 159 -1.15 6.73 30.79
CA ASP A 159 -0.88 7.86 29.92
C ASP A 159 -0.84 7.34 28.49
N ILE A 160 -1.88 7.67 27.70
CA ILE A 160 -2.09 7.12 26.37
C ILE A 160 -1.13 7.77 25.38
N ASN A 161 -1.03 9.10 25.40
CA ASN A 161 -0.10 9.84 24.56
C ASN A 161 1.33 9.31 24.76
N GLY A 162 1.70 9.11 26.03
CA GLY A 162 3.02 8.62 26.41
C GLY A 162 3.24 7.18 25.94
N PHE A 163 2.18 6.37 25.98
CA PHE A 163 2.30 5.02 25.51
C PHE A 163 2.76 5.05 24.04
N PHE A 164 2.15 5.89 23.22
CA PHE A 164 2.43 5.84 21.79
C PHE A 164 3.78 6.48 21.50
N LYS A 165 4.18 7.47 22.31
CA LYS A 165 5.47 8.09 22.11
C LYS A 165 6.57 7.05 22.34
N LEU A 166 6.41 6.26 23.41
CA LEU A 166 7.28 5.14 23.77
C LEU A 166 7.26 4.03 22.72
N TYR A 167 6.09 3.72 22.17
CA TYR A 167 6.01 2.75 21.08
C TYR A 167 6.80 3.25 19.85
N ASN A 168 6.66 4.52 19.47
CA ASN A 168 7.36 5.04 18.31
C ASN A 168 8.88 5.11 18.56
N TYR A 169 9.28 5.37 19.81
CA TYR A 169 10.68 5.41 20.21
C TYR A 169 11.31 4.02 20.14
N SER A 170 10.64 3.03 20.73
CA SER A 170 11.16 1.68 20.72
C SER A 170 10.00 0.69 20.69
N LYS A 171 10.01 -0.14 19.65
CA LYS A 171 9.04 -1.20 19.45
C LYS A 171 9.27 -2.37 20.39
N LYS A 172 10.32 -2.30 21.23
CA LYS A 172 10.81 -3.46 21.97
C LYS A 172 10.13 -3.61 23.32
N TYR A 173 9.55 -2.52 23.84
CA TYR A 173 8.75 -2.58 25.04
C TYR A 173 7.54 -3.47 24.75
N ASP A 174 7.29 -4.40 25.66
CA ASP A 174 6.19 -5.33 25.57
C ASP A 174 5.76 -5.66 27.00
N LEU A 175 4.44 -5.70 27.22
CA LEU A 175 3.89 -5.71 28.57
C LEU A 175 2.39 -5.96 28.49
N ASP A 176 1.87 -6.70 29.46
CA ASP A 176 0.44 -6.94 29.60
C ASP A 176 -0.25 -5.64 30.02
N LEU A 177 -1.36 -5.37 29.32
CA LEU A 177 -2.18 -4.19 29.51
C LEU A 177 -3.54 -4.66 30.00
N ASN A 178 -4.16 -3.92 30.92
CA ASN A 178 -5.45 -4.33 31.46
C ASN A 178 -6.57 -3.76 30.59
N THR A 179 -7.76 -4.35 30.79
CA THR A 179 -8.97 -3.97 30.08
C THR A 179 -9.22 -2.45 30.09
N SER A 180 -9.13 -1.82 31.25
CA SER A 180 -9.31 -0.37 31.30
C SER A 180 -8.41 0.28 30.25
N LEU A 181 -7.12 -0.08 30.24
CA LEU A 181 -6.15 0.65 29.45
C LEU A 181 -6.30 0.33 27.96
N VAL A 182 -6.40 -0.96 27.60
CA VAL A 182 -6.46 -1.30 26.18
C VAL A 182 -7.61 -0.57 25.51
N ASN A 183 -8.74 -0.41 26.24
CA ASN A 183 -9.94 0.21 25.72
C ASN A 183 -9.77 1.72 25.53
N LYS A 184 -8.74 2.32 26.13
CA LYS A 184 -8.45 3.72 25.86
C LYS A 184 -7.58 3.90 24.61
N LEU A 185 -6.85 2.86 24.18
CA LEU A 185 -5.81 3.03 23.18
C LEU A 185 -6.40 3.45 21.83
N PRO A 186 -7.54 2.87 21.39
CA PRO A 186 -8.11 3.18 20.08
C PRO A 186 -8.53 4.63 19.89
N ASN A 187 -8.55 5.43 20.97
CA ASN A 187 -8.96 6.82 20.86
C ASN A 187 -7.82 7.64 20.26
N HIS A 188 -6.60 7.09 20.17
CA HIS A 188 -5.43 7.80 19.66
C HIS A 188 -5.20 7.49 18.18
N ILE A 189 -4.75 8.49 17.40
CA ILE A 189 -4.50 8.33 15.96
C ILE A 189 -3.52 7.19 15.67
N GLY A 190 -2.58 6.94 16.59
CA GLY A 190 -1.52 5.97 16.40
C GLY A 190 -2.00 4.52 16.47
N PHE A 191 -3.23 4.30 16.94
CA PHE A 191 -3.66 2.96 17.28
C PHE A 191 -3.67 2.04 16.06
N LYS A 192 -4.19 2.53 14.93
CA LYS A 192 -4.42 1.68 13.77
C LYS A 192 -3.11 1.07 13.27
N ASP A 193 -2.10 1.93 13.04
CA ASP A 193 -0.79 1.50 12.59
C ASP A 193 -0.16 0.56 13.62
N PHE A 194 -0.20 0.94 14.92
CA PHE A 194 0.25 0.09 16.02
C PHE A 194 -0.35 -1.31 15.97
N ALA A 195 -1.67 -1.44 15.81
CA ALA A 195 -2.31 -2.74 15.84
C ALA A 195 -1.93 -3.54 14.60
N GLN A 196 -1.92 -2.89 13.46
CA GLN A 196 -1.61 -3.56 12.19
C GLN A 196 -0.16 -4.06 12.23
N ASN A 197 0.74 -3.17 12.64
CA ASN A 197 2.15 -3.47 12.86
C ASN A 197 2.32 -4.75 13.68
N ILE A 198 1.82 -4.78 14.92
CA ILE A 198 2.18 -5.85 15.82
C ILE A 198 1.46 -7.15 15.44
N ILE A 199 0.29 -7.06 14.80
CA ILE A 199 -0.47 -8.25 14.46
C ILE A 199 0.12 -8.92 13.21
N ILE A 200 0.46 -8.14 12.18
CA ILE A 200 1.01 -8.69 10.95
C ILE A 200 2.46 -9.18 11.15
N LYS A 201 3.28 -8.41 11.89
CA LYS A 201 4.69 -8.74 12.12
C LYS A 201 4.85 -9.83 13.19
N LYS A 202 3.82 -10.02 14.03
CA LYS A 202 3.82 -11.03 15.07
C LYS A 202 4.84 -10.65 16.15
N GLU A 203 4.79 -9.37 16.53
CA GLU A 203 5.65 -8.82 17.57
C GLU A 203 4.79 -8.48 18.78
N ASN A 204 5.47 -8.10 19.86
CA ASN A 204 4.82 -7.67 21.08
C ASN A 204 3.68 -8.62 21.43
N PRO A 205 3.99 -9.90 21.73
CA PRO A 205 2.98 -10.89 22.12
C PRO A 205 2.08 -10.58 23.32
N LYS A 206 2.51 -9.67 24.19
CA LYS A 206 1.77 -9.33 25.38
C LYS A 206 0.78 -8.19 25.10
N PHE A 207 1.22 -7.24 24.26
CA PHE A 207 0.31 -6.29 23.64
C PHE A 207 -0.79 -7.02 22.88
N ARG A 208 -0.43 -7.96 22.00
CA ARG A 208 -1.39 -8.65 21.16
C ARG A 208 -2.41 -9.41 21.99
N HIS A 209 -1.96 -10.05 23.08
CA HIS A 209 -2.83 -10.86 23.91
C HIS A 209 -3.78 -9.96 24.70
N SER A 210 -3.28 -8.78 25.11
CA SER A 210 -4.07 -7.81 25.84
C SER A 210 -5.18 -7.23 24.98
N MET A 211 -4.95 -7.18 23.66
CA MET A 211 -5.88 -6.56 22.72
C MET A 211 -7.09 -7.46 22.45
N LEU A 212 -7.07 -8.69 22.99
CA LEU A 212 -8.26 -9.54 23.02
C LEU A 212 -9.38 -8.97 23.91
N GLU A 213 -9.09 -7.97 24.74
CA GLU A 213 -10.04 -7.45 25.71
C GLU A 213 -10.57 -6.09 25.27
N ILE A 214 -10.22 -5.66 24.05
CA ILE A 214 -10.81 -4.45 23.52
C ILE A 214 -12.27 -4.76 23.17
N ASN A 215 -13.17 -3.91 23.69
CA ASN A 215 -14.58 -3.98 23.38
C ASN A 215 -14.76 -3.55 21.93
N PRO A 216 -15.40 -4.37 21.08
CA PRO A 216 -15.67 -3.98 19.69
C PRO A 216 -16.40 -2.66 19.46
N GLU A 217 -17.25 -2.29 20.43
CA GLU A 217 -17.87 -0.96 20.45
C GLU A 217 -16.82 0.14 20.30
N ASN A 218 -15.58 -0.10 20.79
CA ASN A 218 -14.59 0.97 20.93
C ASN A 218 -13.72 1.11 19.67
N VAL A 219 -13.88 0.21 18.69
CA VAL A 219 -13.06 0.27 17.48
C VAL A 219 -13.97 0.22 16.25
N SER A 220 -13.39 0.57 15.09
CA SER A 220 -14.07 0.42 13.82
C SER A 220 -13.09 0.22 12.67
N GLU A 221 -13.64 -0.15 11.50
CA GLU A 221 -12.94 -0.17 10.21
C GLU A 221 -11.76 -1.13 10.30
N ASP A 222 -10.58 -0.69 9.86
CA ASP A 222 -9.40 -1.54 9.76
C ASP A 222 -8.99 -2.03 11.14
N SER A 223 -8.99 -1.12 12.13
CA SER A 223 -8.62 -1.49 13.48
C SER A 223 -9.44 -2.69 13.94
N ALA A 224 -10.75 -2.66 13.66
CA ALA A 224 -11.64 -3.73 14.08
C ALA A 224 -11.36 -4.99 13.28
N PHE A 225 -11.12 -4.84 11.98
CA PHE A 225 -10.73 -5.96 11.14
C PHE A 225 -9.50 -6.67 11.71
N TYR A 226 -8.44 -5.89 11.99
CA TYR A 226 -7.15 -6.42 12.43
C TYR A 226 -7.27 -7.08 13.80
N LEU A 227 -8.08 -6.50 14.70
CA LEU A 227 -8.38 -7.14 15.98
C LEU A 227 -9.14 -8.44 15.80
N GLY A 228 -9.88 -8.57 14.70
CA GLY A 228 -10.50 -9.84 14.35
C GLY A 228 -9.48 -10.92 13.97
N VAL A 229 -8.47 -10.50 13.19
CA VAL A 229 -7.40 -11.38 12.76
C VAL A 229 -6.62 -11.80 14.01
N ASN A 230 -6.33 -10.81 14.86
CA ASN A 230 -5.69 -11.05 16.15
C ASN A 230 -6.43 -12.13 16.95
N ALA A 231 -7.77 -12.01 17.03
CA ALA A 231 -8.53 -12.90 17.88
C ALA A 231 -8.50 -14.32 17.33
N LEU A 232 -8.57 -14.45 16.01
CA LEU A 232 -8.45 -15.76 15.39
C LEU A 232 -7.12 -16.41 15.76
N THR A 233 -6.03 -15.64 15.83
CA THR A 233 -4.71 -16.26 15.99
C THR A 233 -4.58 -16.91 17.36
N TYR A 234 -5.40 -16.47 18.34
CA TYR A 234 -5.50 -17.07 19.66
C TYR A 234 -6.73 -17.96 19.78
N ASP A 235 -7.35 -18.33 18.65
CA ASP A 235 -8.54 -19.18 18.61
C ASP A 235 -9.66 -18.63 19.49
N LYS A 236 -9.92 -17.31 19.41
CA LYS A 236 -11.04 -16.69 20.08
C LYS A 236 -12.05 -16.24 19.03
N THR A 237 -12.85 -17.20 18.56
CA THR A 237 -13.75 -17.06 17.41
C THR A 237 -14.92 -16.13 17.73
N GLU A 238 -15.46 -16.20 18.95
CA GLU A 238 -16.56 -15.34 19.34
C GLU A 238 -16.16 -13.87 19.25
N LEU A 239 -15.06 -13.48 19.93
CA LEU A 239 -14.63 -12.09 19.91
C LEU A 239 -14.31 -11.70 18.47
N ALA A 240 -13.74 -12.64 17.71
CA ALA A 240 -13.32 -12.39 16.34
C ALA A 240 -14.51 -11.97 15.50
N TYR A 241 -15.62 -12.73 15.61
CA TYR A 241 -16.83 -12.45 14.88
C TYR A 241 -17.32 -11.03 15.17
N ASP A 242 -17.39 -10.68 16.46
CA ASP A 242 -17.89 -9.38 16.88
C ASP A 242 -17.02 -8.27 16.30
N PHE A 243 -15.70 -8.53 16.23
CA PHE A 243 -14.75 -7.60 15.66
C PHE A 243 -14.99 -7.46 14.16
N PHE A 244 -15.18 -8.59 13.50
CA PHE A 244 -15.41 -8.59 12.06
C PHE A 244 -16.76 -7.95 11.74
N LYS A 245 -17.77 -8.26 12.56
CA LYS A 245 -19.10 -7.68 12.44
C LYS A 245 -19.00 -6.16 12.49
N LYS A 246 -18.31 -5.65 13.51
CA LYS A 246 -18.13 -4.22 13.65
C LYS A 246 -17.35 -3.64 12.47
N ALA A 247 -16.42 -4.40 11.89
CA ALA A 247 -15.68 -3.94 10.72
C ALA A 247 -16.61 -3.81 9.51
N ALA A 248 -17.50 -4.79 9.33
CA ALA A 248 -18.41 -4.85 8.18
C ALA A 248 -19.38 -3.66 8.22
N GLN A 249 -19.88 -3.31 9.42
CA GLN A 249 -20.82 -2.21 9.59
C GLN A 249 -20.20 -0.83 9.43
N SER A 250 -18.87 -0.69 9.55
CA SER A 250 -18.20 0.60 9.59
C SER A 250 -17.36 0.86 8.34
N PHE A 251 -16.91 -0.20 7.65
CA PHE A 251 -16.04 -0.01 6.50
C PHE A 251 -16.67 0.92 5.45
N LYS A 252 -15.86 1.83 4.91
CA LYS A 252 -16.29 2.71 3.83
C LYS A 252 -16.42 1.98 2.49
N SER A 253 -15.44 1.14 2.13
CA SER A 253 -15.45 0.50 0.83
C SER A 253 -16.15 -0.85 0.92
N GLN A 254 -16.85 -1.23 -0.16
CA GLN A 254 -17.65 -2.45 -0.20
C GLN A 254 -16.74 -3.69 -0.23
N SER A 255 -15.61 -3.59 -0.95
CA SER A 255 -14.57 -4.62 -1.01
C SER A 255 -14.10 -5.02 0.38
N ASN A 256 -13.78 -4.01 1.19
CA ASN A 256 -13.36 -4.25 2.57
C ASN A 256 -14.51 -4.85 3.37
N LYS A 257 -15.71 -4.30 3.18
CA LYS A 257 -16.90 -4.79 3.87
C LYS A 257 -17.09 -6.28 3.58
N ASP A 258 -16.87 -6.66 2.32
CA ASP A 258 -17.00 -8.05 1.85
C ASP A 258 -15.94 -8.96 2.47
N ASN A 259 -14.74 -8.43 2.64
CA ASN A 259 -13.66 -9.16 3.27
C ASN A 259 -14.08 -9.50 4.69
N ALA A 260 -14.70 -8.54 5.37
CA ALA A 260 -15.13 -8.73 6.75
C ALA A 260 -16.33 -9.66 6.85
N ILE A 261 -17.27 -9.59 5.89
CA ILE A 261 -18.44 -10.46 5.92
C ILE A 261 -17.98 -11.89 5.68
N PHE A 262 -17.05 -12.06 4.75
CA PHE A 262 -16.52 -13.39 4.47
C PHE A 262 -16.04 -14.09 5.75
N TRP A 263 -15.36 -13.33 6.62
CA TRP A 263 -14.86 -13.89 7.88
C TRP A 263 -16.02 -14.19 8.82
N MET A 264 -16.98 -13.26 8.93
CA MET A 264 -18.22 -13.46 9.68
C MET A 264 -18.83 -14.82 9.32
N TRP A 265 -18.90 -15.12 8.02
CA TRP A 265 -19.44 -16.39 7.56
C TRP A 265 -18.51 -17.55 7.91
N LEU A 266 -17.22 -17.40 7.66
CA LEU A 266 -16.29 -18.50 7.87
C LEU A 266 -16.33 -18.97 9.33
N ILE A 267 -16.55 -18.04 10.26
CA ILE A 267 -16.53 -18.32 11.67
C ILE A 267 -17.83 -18.97 12.14
N LYS A 268 -18.99 -18.39 11.80
CA LYS A 268 -20.29 -18.83 12.34
C LYS A 268 -21.11 -19.63 11.31
N ASN A 269 -21.05 -19.29 10.03
CA ASN A 269 -21.70 -20.06 8.95
C ASN A 269 -23.20 -19.73 8.83
N ASN A 270 -23.57 -18.49 9.12
CA ASN A 270 -24.93 -18.01 8.93
C ASN A 270 -25.08 -17.63 7.46
N GLU A 271 -26.12 -18.16 6.81
CA GLU A 271 -26.23 -18.10 5.36
C GLU A 271 -26.76 -16.74 4.91
N GLU A 272 -27.41 -16.01 5.83
CA GLU A 272 -27.68 -14.58 5.66
C GLU A 272 -26.41 -13.83 5.25
N ASP A 273 -25.28 -14.17 5.90
CA ASP A 273 -24.02 -13.45 5.73
C ASP A 273 -23.47 -13.75 4.34
N LEU A 274 -23.48 -15.03 3.96
CA LEU A 274 -22.95 -15.48 2.67
C LEU A 274 -23.80 -14.99 1.51
N LYS A 275 -25.11 -14.89 1.75
CA LYS A 275 -26.00 -14.38 0.73
C LYS A 275 -25.67 -12.90 0.52
N THR A 276 -25.58 -12.12 1.62
CA THR A 276 -25.22 -10.72 1.50
C THR A 276 -23.94 -10.60 0.66
N LEU A 277 -23.00 -11.54 0.89
CA LEU A 277 -21.70 -11.50 0.24
C LEU A 277 -21.79 -11.89 -1.23
N SER A 278 -22.68 -12.83 -1.58
CA SER A 278 -22.86 -13.28 -2.96
C SER A 278 -23.53 -12.21 -3.82
N GLN A 279 -24.24 -11.29 -3.17
CA GLN A 279 -25.03 -10.28 -3.84
C GLN A 279 -24.28 -8.95 -3.92
N SER A 280 -23.02 -8.92 -3.45
CA SER A 280 -22.25 -7.68 -3.40
C SER A 280 -22.04 -7.06 -4.79
N SER A 281 -22.03 -5.73 -4.82
CA SER A 281 -21.74 -4.96 -6.01
C SER A 281 -20.23 -5.03 -6.34
N SER A 282 -19.41 -5.24 -5.31
CA SER A 282 -17.97 -5.28 -5.47
C SER A 282 -17.52 -6.65 -5.96
N LEU A 283 -16.75 -6.64 -7.06
CA LEU A 283 -16.13 -7.84 -7.56
C LEU A 283 -14.76 -7.97 -6.91
N ASN A 284 -14.58 -9.05 -6.14
CA ASN A 284 -13.39 -9.30 -5.37
C ASN A 284 -13.39 -10.79 -5.08
N ILE A 285 -12.28 -11.32 -4.59
CA ILE A 285 -12.16 -12.75 -4.43
C ILE A 285 -13.23 -13.28 -3.48
N TYR A 286 -13.73 -12.46 -2.54
CA TYR A 286 -14.61 -12.95 -1.50
C TYR A 286 -16.03 -13.06 -2.04
N SER A 287 -16.44 -12.08 -2.86
CA SER A 287 -17.73 -12.05 -3.50
C SER A 287 -17.76 -13.08 -4.64
N LEU A 288 -16.62 -13.28 -5.31
CA LEU A 288 -16.51 -14.32 -6.33
C LEU A 288 -16.68 -15.72 -5.73
N TYR A 289 -16.05 -15.93 -4.56
CA TYR A 289 -16.09 -17.23 -3.89
C TYR A 289 -17.51 -17.49 -3.38
N ALA A 290 -18.15 -16.44 -2.85
CA ALA A 290 -19.49 -16.57 -2.30
C ALA A 290 -20.46 -16.97 -3.41
N LYS A 291 -20.29 -16.41 -4.61
CA LYS A 291 -21.13 -16.73 -5.76
C LYS A 291 -20.91 -18.17 -6.22
N GLU A 292 -19.69 -18.66 -6.07
CA GLU A 292 -19.38 -20.02 -6.49
C GLU A 292 -20.03 -21.02 -5.52
N LEU A 293 -20.00 -20.72 -4.22
CA LEU A 293 -20.53 -21.59 -3.19
C LEU A 293 -22.07 -21.65 -3.22
N THR A 294 -22.72 -20.61 -3.73
CA THR A 294 -24.17 -20.47 -3.72
C THR A 294 -24.80 -20.71 -5.09
N ASN A 295 -24.01 -21.18 -6.07
CA ASN A 295 -24.47 -21.35 -7.45
C ASN A 295 -25.06 -20.05 -8.00
N THR A 296 -24.50 -18.90 -7.59
CA THR A 296 -24.86 -17.60 -8.15
C THR A 296 -24.10 -17.39 -9.46
N PRO A 297 -24.72 -16.83 -10.53
CA PRO A 297 -24.02 -16.69 -11.79
C PRO A 297 -22.88 -15.68 -11.70
N PHE A 298 -21.90 -15.82 -12.59
CA PHE A 298 -20.75 -14.92 -12.65
C PHE A 298 -21.24 -13.50 -12.91
N PRO A 299 -20.59 -12.46 -12.35
CA PRO A 299 -21.11 -11.09 -12.52
C PRO A 299 -20.98 -10.57 -13.95
N LYS A 300 -21.79 -9.55 -14.28
CA LYS A 300 -21.76 -8.95 -15.60
C LYS A 300 -20.43 -8.21 -15.81
N ILE A 301 -19.71 -8.64 -16.85
CA ILE A 301 -18.51 -7.94 -17.29
C ILE A 301 -18.87 -7.14 -18.54
N GLU A 302 -18.66 -5.82 -18.46
CA GLU A 302 -18.91 -4.92 -19.57
C GLU A 302 -18.08 -5.33 -20.78
N SER A 303 -18.57 -4.94 -21.95
CA SER A 303 -17.90 -5.26 -23.19
C SER A 303 -17.77 -3.96 -23.99
N LEU A 304 -16.52 -3.57 -24.29
CA LEU A 304 -16.22 -2.30 -24.94
C LEU A 304 -15.62 -2.61 -26.30
N ASN A 305 -16.39 -2.29 -27.35
CA ASN A 305 -15.94 -2.46 -28.72
C ASN A 305 -16.28 -1.18 -29.46
N PRO A 306 -15.43 -0.13 -29.38
CA PRO A 306 -15.65 1.13 -30.09
C PRO A 306 -15.36 1.01 -31.59
N SER A 307 -16.28 1.52 -32.42
CA SER A 307 -16.15 1.41 -33.87
C SER A 307 -14.98 2.25 -34.38
N LYS A 308 -14.92 3.52 -33.96
CA LYS A 308 -13.86 4.45 -34.36
C LYS A 308 -12.49 3.84 -34.02
N LYS A 309 -11.50 4.09 -34.90
CA LYS A 309 -10.23 3.36 -34.87
C LYS A 309 -9.10 4.19 -34.27
N LYS A 310 -9.24 5.53 -34.29
CA LYS A 310 -8.10 6.41 -34.05
C LYS A 310 -8.59 7.80 -33.65
N ASN A 311 -7.71 8.56 -32.98
CA ASN A 311 -7.83 10.01 -32.89
C ASN A 311 -6.43 10.59 -32.81
N ASN A 312 -6.33 11.89 -32.46
CA ASN A 312 -5.04 12.56 -32.30
C ASN A 312 -4.14 11.84 -31.31
N PHE A 313 -4.69 11.54 -30.12
CA PHE A 313 -3.92 11.32 -28.89
C PHE A 313 -2.72 10.40 -29.13
N ASN A 314 -1.55 10.84 -28.64
CA ASN A 314 -0.31 10.10 -28.70
C ASN A 314 -0.18 9.24 -27.43
N MET A 315 -0.50 7.94 -27.62
CA MET A 315 -0.53 6.96 -26.55
C MET A 315 0.88 6.63 -26.09
N GLN A 316 1.88 7.15 -26.83
CA GLN A 316 3.27 6.89 -26.49
C GLN A 316 3.90 8.10 -25.81
N ASP A 317 3.14 9.20 -25.64
CA ASP A 317 3.64 10.39 -24.97
C ASP A 317 3.35 10.33 -23.47
N PRO A 318 4.38 10.25 -22.59
CA PRO A 318 4.14 10.22 -21.14
C PRO A 318 3.50 11.48 -20.55
N PHE A 319 3.76 12.63 -21.19
CA PHE A 319 3.38 13.96 -20.72
C PHE A 319 1.92 14.20 -21.04
N ALA A 320 1.52 13.75 -22.23
CA ALA A 320 0.14 13.82 -22.69
C ALA A 320 -0.76 13.02 -21.75
N TRP A 321 -0.29 11.84 -21.30
CA TRP A 321 -1.05 11.03 -20.36
C TRP A 321 -1.19 11.78 -19.04
N GLN A 322 -0.10 12.35 -18.55
CA GLN A 322 -0.13 12.96 -17.23
C GLN A 322 -1.08 14.16 -17.21
N LYS A 323 -1.20 14.90 -18.33
CA LYS A 323 -2.16 16.01 -18.34
C LYS A 323 -3.57 15.45 -18.45
N ILE A 324 -3.85 14.59 -19.43
CA ILE A 324 -5.19 14.04 -19.54
C ILE A 324 -5.58 13.34 -18.26
N ASN A 325 -4.62 12.83 -17.49
CA ASN A 325 -4.93 12.11 -16.26
C ASN A 325 -5.46 13.08 -15.21
N LYS A 326 -4.81 14.25 -15.06
CA LYS A 326 -5.25 15.20 -14.04
C LYS A 326 -6.63 15.71 -14.42
N GLN A 327 -6.87 16.00 -15.72
CA GLN A 327 -8.21 16.35 -16.20
C GLN A 327 -9.27 15.33 -15.76
N ILE A 328 -8.95 14.03 -15.78
CA ILE A 328 -9.94 12.99 -15.48
C ILE A 328 -10.22 12.93 -13.97
N ARG A 329 -9.24 13.23 -13.11
CA ARG A 329 -9.48 13.31 -11.67
C ARG A 329 -10.23 14.61 -11.32
N ASP A 330 -9.66 15.75 -11.73
CA ASP A 330 -10.31 17.05 -11.62
C ASP A 330 -11.40 17.17 -12.69
N ALA A 331 -12.43 16.31 -12.59
CA ALA A 331 -13.57 16.42 -13.50
C ALA A 331 -14.84 16.02 -12.78
N ASN A 332 -15.84 16.91 -12.86
CA ASN A 332 -17.20 16.63 -12.44
C ASN A 332 -17.78 15.55 -13.37
N ALA A 333 -18.81 14.84 -12.87
CA ALA A 333 -19.44 13.74 -13.59
C ALA A 333 -19.96 14.18 -14.97
N SER A 334 -20.00 15.50 -15.22
CA SER A 334 -20.44 16.04 -16.50
C SER A 334 -19.29 16.22 -17.50
N GLN A 335 -18.09 16.54 -16.99
CA GLN A 335 -16.91 16.72 -17.83
C GLN A 335 -16.41 15.36 -18.32
N LEU A 336 -16.70 14.30 -17.56
CA LEU A 336 -16.31 12.95 -17.88
C LEU A 336 -16.97 12.49 -19.18
N ASP A 337 -18.26 12.80 -19.35
CA ASP A 337 -19.01 12.37 -20.53
C ASP A 337 -18.37 12.97 -21.79
N VAL A 338 -17.68 14.10 -21.62
CA VAL A 338 -17.06 14.80 -22.74
C VAL A 338 -15.77 14.09 -23.12
N LEU A 339 -15.04 13.61 -22.11
CA LEU A 339 -13.81 12.85 -22.28
C LEU A 339 -14.12 11.44 -22.81
N ALA A 340 -15.13 10.79 -22.23
CA ALA A 340 -15.50 9.43 -22.64
C ALA A 340 -15.68 9.38 -24.16
N LYS A 341 -16.40 10.37 -24.71
CA LYS A 341 -16.74 10.39 -26.12
C LYS A 341 -15.51 10.74 -26.95
N GLU A 342 -14.67 11.62 -26.42
CA GLU A 342 -13.43 12.01 -27.08
C GLU A 342 -12.53 10.79 -27.26
N PHE A 343 -12.46 9.89 -26.25
CA PHE A 343 -11.48 8.81 -26.23
C PHE A 343 -12.12 7.45 -26.56
N ASP A 344 -13.33 7.49 -27.14
CA ASP A 344 -14.06 6.30 -27.52
C ASP A 344 -13.49 5.72 -28.82
N THR A 345 -12.25 5.23 -28.76
CA THR A 345 -11.59 4.64 -29.93
C THR A 345 -10.88 3.36 -29.53
N GLN A 346 -10.43 2.63 -30.56
CA GLN A 346 -9.66 1.40 -30.38
C GLN A 346 -8.25 1.76 -29.92
N GLU A 347 -7.74 2.88 -30.43
CA GLU A 347 -6.38 3.30 -30.19
C GLU A 347 -6.24 3.77 -28.75
N THR A 348 -7.33 4.36 -28.19
CA THR A 348 -7.33 4.94 -26.86
C THR A 348 -8.27 4.16 -25.93
N LEU A 349 -8.44 2.86 -26.21
CA LEU A 349 -9.39 2.04 -25.49
C LEU A 349 -9.04 1.99 -24.00
N PRO A 350 -7.75 1.90 -23.61
CA PRO A 350 -7.40 1.90 -22.18
C PRO A 350 -7.84 3.16 -21.45
N ILE A 351 -7.78 4.32 -22.13
CA ILE A 351 -8.24 5.58 -21.56
C ILE A 351 -9.77 5.56 -21.48
N TYR A 352 -10.44 5.17 -22.58
CA TYR A 352 -11.88 5.07 -22.60
C TYR A 352 -12.40 4.31 -21.38
N ALA A 353 -11.79 3.16 -21.08
CA ALA A 353 -12.20 2.31 -19.97
C ALA A 353 -11.83 2.95 -18.63
N TYR A 354 -10.72 3.69 -18.60
CA TYR A 354 -10.31 4.39 -17.39
C TYR A 354 -11.35 5.45 -17.02
N ILE A 355 -11.76 6.24 -18.02
CA ILE A 355 -12.79 7.26 -17.84
C ILE A 355 -14.12 6.61 -17.42
N LEU A 356 -14.54 5.56 -18.15
CA LEU A 356 -15.81 4.88 -17.92
C LEU A 356 -15.90 4.36 -16.49
N GLU A 357 -14.84 3.71 -16.02
CA GLU A 357 -14.77 3.15 -14.67
C GLU A 357 -15.13 4.21 -13.62
N ARG A 358 -14.51 5.39 -13.74
CA ARG A 358 -14.75 6.49 -12.82
C ARG A 358 -16.15 7.06 -13.03
N LYS A 359 -16.53 7.18 -14.30
CA LYS A 359 -17.77 7.85 -14.69
C LYS A 359 -18.96 7.16 -14.05
N ASN A 360 -18.96 5.83 -14.04
CA ASN A 360 -20.08 5.06 -13.51
C ASN A 360 -19.83 4.70 -12.04
N ASN A 361 -18.94 5.46 -11.38
CA ASN A 361 -18.75 5.42 -9.94
C ASN A 361 -18.34 4.02 -9.47
N PHE A 362 -17.61 3.30 -10.34
CA PHE A 362 -16.96 2.04 -10.00
C PHE A 362 -17.99 0.92 -9.74
N LYS A 363 -19.19 1.07 -10.33
CA LYS A 363 -20.30 0.14 -10.15
C LYS A 363 -20.24 -0.95 -11.23
N LYS A 364 -19.69 -0.59 -12.40
CA LYS A 364 -19.54 -1.52 -13.50
C LYS A 364 -18.11 -2.06 -13.55
N HIS A 365 -17.98 -3.24 -14.17
CA HIS A 365 -16.78 -4.05 -14.15
C HIS A 365 -16.14 -4.06 -15.55
N TYR A 366 -14.96 -3.43 -15.67
CA TYR A 366 -14.25 -3.28 -16.93
C TYR A 366 -12.98 -4.13 -16.93
N PHE A 367 -12.93 -5.06 -17.91
CA PHE A 367 -11.83 -6.00 -18.04
C PHE A 367 -11.46 -6.08 -19.52
N ILE A 368 -10.81 -5.01 -20.00
CA ILE A 368 -10.38 -4.94 -21.38
C ILE A 368 -9.16 -5.82 -21.59
N MET A 369 -8.87 -6.05 -22.89
CA MET A 369 -7.77 -6.86 -23.34
C MET A 369 -7.10 -6.11 -24.49
N PRO A 370 -6.36 -5.02 -24.19
CA PRO A 370 -5.74 -4.20 -25.23
C PRO A 370 -4.44 -4.82 -25.74
N TYR A 371 -4.10 -4.49 -27.00
CA TYR A 371 -2.86 -4.93 -27.62
C TYR A 371 -2.80 -6.46 -27.60
N TYR A 372 -3.91 -7.09 -28.01
CA TYR A 372 -4.12 -8.51 -27.76
C TYR A 372 -3.20 -9.37 -28.63
N ASP A 373 -2.91 -8.89 -29.85
CA ASP A 373 -2.04 -9.57 -30.79
C ASP A 373 -0.73 -9.99 -30.15
N ASN A 374 -0.27 -9.24 -29.15
CA ASN A 374 1.01 -9.51 -28.50
C ASN A 374 0.91 -10.63 -27.48
N ILE A 375 -0.30 -11.15 -27.19
CA ILE A 375 -0.38 -12.26 -26.23
C ILE A 375 -1.28 -13.40 -26.70
N LYS A 376 -1.94 -13.27 -27.87
CA LYS A 376 -2.97 -14.22 -28.29
C LYS A 376 -2.39 -15.62 -28.49
N ASP A 377 -1.07 -15.73 -28.67
CA ASP A 377 -0.43 -17.01 -28.94
C ASP A 377 0.01 -17.69 -27.63
N TYR A 378 0.11 -16.95 -26.53
CA TYR A 378 0.39 -17.58 -25.25
C TYR A 378 -0.81 -18.42 -24.85
N ASN A 379 -0.60 -19.44 -24.00
CA ASN A 379 -1.72 -20.26 -23.54
C ASN A 379 -2.64 -19.35 -22.76
N LYS A 380 -3.89 -19.78 -22.56
CA LYS A 380 -4.93 -18.89 -22.08
C LYS A 380 -4.75 -18.56 -20.60
N THR A 381 -4.09 -19.46 -19.86
CA THR A 381 -3.84 -19.31 -18.43
C THR A 381 -2.74 -18.26 -18.22
N ARG A 382 -1.72 -18.26 -19.09
CA ARG A 382 -0.66 -17.27 -19.04
C ARG A 382 -1.21 -15.90 -19.44
N GLN A 383 -2.06 -15.86 -20.49
CA GLN A 383 -2.73 -14.63 -20.90
C GLN A 383 -3.48 -13.99 -19.74
N ALA A 384 -4.22 -14.81 -18.99
CA ALA A 384 -5.06 -14.32 -17.91
C ALA A 384 -4.19 -13.66 -16.84
N LEU A 385 -3.06 -14.28 -16.52
CA LEU A 385 -2.16 -13.78 -15.50
C LEU A 385 -1.55 -12.44 -15.93
N ILE A 386 -1.10 -12.36 -17.18
CA ILE A 386 -0.55 -11.15 -17.72
C ILE A 386 -1.58 -10.03 -17.61
N LEU A 387 -2.80 -10.30 -18.06
CA LEU A 387 -3.86 -9.32 -18.09
C LEU A 387 -4.24 -8.91 -16.68
N ALA A 388 -4.22 -9.86 -15.75
CA ALA A 388 -4.60 -9.63 -14.35
C ALA A 388 -3.62 -8.68 -13.67
N ILE A 389 -2.33 -8.91 -13.94
CA ILE A 389 -1.24 -8.08 -13.45
C ILE A 389 -1.37 -6.68 -14.07
N ALA A 390 -1.59 -6.62 -15.39
CA ALA A 390 -1.57 -5.35 -16.09
C ALA A 390 -2.74 -4.49 -15.63
N ARG A 391 -3.89 -5.11 -15.34
CA ARG A 391 -5.08 -4.40 -14.92
C ARG A 391 -4.81 -3.65 -13.62
N GLN A 392 -4.26 -4.35 -12.63
CA GLN A 392 -3.95 -3.80 -11.32
C GLN A 392 -2.80 -2.79 -11.41
N GLU A 393 -1.76 -3.11 -12.20
CA GLU A 393 -0.53 -2.32 -12.23
C GLU A 393 -0.78 -0.97 -12.90
N SER A 394 -1.69 -0.87 -13.89
CA SER A 394 -1.63 0.28 -14.78
C SER A 394 -2.98 0.62 -15.40
N ARG A 395 -3.97 -0.26 -15.25
CA ARG A 395 -5.17 -0.22 -16.06
C ARG A 395 -4.76 -0.07 -17.52
N PHE A 396 -3.64 -0.72 -17.90
CA PHE A 396 -3.26 -0.86 -19.29
C PHE A 396 -2.85 0.47 -19.94
N ILE A 397 -2.43 1.46 -19.14
CA ILE A 397 -1.97 2.73 -19.67
C ILE A 397 -0.53 2.53 -20.10
N PRO A 398 -0.21 2.64 -21.42
CA PRO A 398 1.13 2.34 -21.92
C PRO A 398 2.23 3.13 -21.22
N THR A 399 2.00 4.44 -21.00
CA THR A 399 3.02 5.32 -20.44
C THR A 399 2.81 5.58 -18.95
N ALA A 400 2.22 4.61 -18.24
CA ALA A 400 1.96 4.78 -16.81
C ALA A 400 3.28 4.81 -16.05
N ILE A 401 3.38 5.74 -15.08
CA ILE A 401 4.54 5.93 -14.22
C ILE A 401 4.06 6.03 -12.77
N SER A 402 4.66 5.21 -11.90
CA SER A 402 4.35 5.19 -10.48
C SER A 402 5.30 6.10 -9.69
N VAL A 403 5.04 6.18 -8.38
CA VAL A 403 5.71 7.11 -7.48
C VAL A 403 7.14 6.66 -7.26
N SER A 404 7.41 5.36 -7.51
CA SER A 404 8.76 4.82 -7.40
C SER A 404 9.41 4.67 -8.78
N TYR A 405 8.77 5.27 -9.81
CA TYR A 405 9.21 5.27 -11.20
C TYR A 405 9.19 3.86 -11.83
N ALA A 406 8.12 3.10 -11.56
CA ALA A 406 7.84 1.88 -12.30
C ALA A 406 7.16 2.24 -13.61
N LEU A 407 7.46 1.46 -14.68
CA LEU A 407 7.24 1.95 -16.03
C LEU A 407 6.27 1.04 -16.80
N GLY A 408 5.35 1.68 -17.56
CA GLY A 408 4.48 1.04 -18.55
C GLY A 408 3.38 0.15 -17.95
N MET A 409 2.66 -0.55 -18.84
CA MET A 409 1.52 -1.39 -18.50
C MET A 409 1.78 -2.44 -17.43
N MET A 410 3.03 -2.94 -17.31
CA MET A 410 3.35 -4.03 -16.41
C MET A 410 4.19 -3.51 -15.25
N GLN A 411 4.44 -2.20 -15.28
CA GLN A 411 5.07 -1.48 -14.17
C GLN A 411 6.38 -2.14 -13.75
N PHE A 412 7.33 -2.19 -14.69
CA PHE A 412 8.66 -2.68 -14.37
C PHE A 412 9.50 -1.62 -13.66
N MET A 413 10.17 -2.02 -12.57
CA MET A 413 11.22 -1.20 -11.97
C MET A 413 12.37 -1.12 -12.97
N PRO A 414 12.95 0.08 -13.23
CA PRO A 414 14.11 0.23 -14.12
C PRO A 414 15.28 -0.74 -13.97
N PHE A 415 15.56 -1.20 -12.75
CA PHE A 415 16.65 -2.15 -12.56
C PHE A 415 16.34 -3.45 -13.32
N LEU A 416 15.12 -3.97 -13.14
CA LEU A 416 14.76 -5.26 -13.70
C LEU A 416 14.55 -5.12 -15.21
N ALA A 417 14.01 -4.00 -15.66
CA ALA A 417 13.77 -3.80 -17.08
C ALA A 417 15.10 -3.79 -17.83
N ASN A 418 16.12 -3.17 -17.23
CA ASN A 418 17.44 -3.04 -17.85
C ASN A 418 18.11 -4.41 -17.82
N HIS A 419 18.02 -5.13 -16.70
CA HIS A 419 18.63 -6.45 -16.62
C HIS A 419 18.07 -7.39 -17.70
N ILE A 420 16.75 -7.40 -17.89
CA ILE A 420 16.10 -8.25 -18.88
C ILE A 420 16.48 -7.80 -20.29
N GLY A 421 16.22 -6.53 -20.60
CA GLY A 421 16.41 -6.00 -21.94
C GLY A 421 17.87 -5.89 -22.39
N GLU A 422 18.80 -5.61 -21.47
CA GLU A 422 20.20 -5.45 -21.83
C GLU A 422 20.89 -6.81 -21.75
N LYS A 423 20.78 -7.45 -20.59
CA LYS A 423 21.54 -8.67 -20.36
C LYS A 423 20.82 -9.89 -20.93
N GLU A 424 19.56 -10.17 -20.54
CA GLU A 424 18.93 -11.47 -20.81
C GLU A 424 18.39 -11.56 -22.24
N LEU A 425 17.62 -10.57 -22.71
CA LEU A 425 17.01 -10.66 -24.02
C LEU A 425 17.82 -9.89 -25.06
N LYS A 426 18.89 -9.24 -24.58
CA LYS A 426 19.81 -8.45 -25.40
C LYS A 426 19.10 -7.70 -26.54
N ILE A 427 18.03 -6.96 -26.23
CA ILE A 427 17.41 -6.09 -27.22
C ILE A 427 18.41 -5.02 -27.65
N PRO A 428 18.55 -4.77 -28.98
CA PRO A 428 19.49 -3.75 -29.46
C PRO A 428 19.01 -2.31 -29.28
N ASN A 429 19.90 -1.45 -28.75
CA ASN A 429 19.63 -0.05 -28.43
C ASN A 429 18.62 0.07 -27.29
N PHE A 430 18.59 -0.94 -26.40
CA PHE A 430 17.57 -1.01 -25.36
C PHE A 430 17.68 0.20 -24.45
N ASP A 431 16.56 0.92 -24.33
CA ASP A 431 16.33 1.88 -23.27
C ASP A 431 15.13 1.42 -22.45
N GLN A 432 15.19 1.66 -21.13
CA GLN A 432 14.10 1.35 -20.20
C GLN A 432 12.76 1.99 -20.59
N ASP A 433 12.75 3.09 -21.34
CA ASP A 433 11.50 3.66 -21.84
C ASP A 433 10.86 2.80 -22.92
N PHE A 434 11.48 1.63 -23.21
CA PHE A 434 10.87 0.64 -24.08
C PHE A 434 9.70 -0.04 -23.36
N MET A 435 9.69 -0.01 -22.01
CA MET A 435 8.60 -0.52 -21.18
C MET A 435 7.29 0.21 -21.47
N PHE A 436 7.36 1.40 -22.08
CA PHE A 436 6.15 2.11 -22.48
C PHE A 436 5.52 1.48 -23.71
N LYS A 437 6.20 0.49 -24.31
CA LYS A 437 5.69 -0.19 -25.49
C LYS A 437 4.94 -1.45 -25.06
N PRO A 438 3.65 -1.58 -25.42
CA PRO A 438 2.86 -2.76 -25.09
C PRO A 438 3.53 -4.08 -25.48
N GLU A 439 4.08 -4.14 -26.70
CA GLU A 439 4.73 -5.35 -27.20
C GLU A 439 5.87 -5.74 -26.27
N ILE A 440 6.59 -4.73 -25.78
CA ILE A 440 7.69 -4.95 -24.88
C ILE A 440 7.18 -5.29 -23.48
N ALA A 441 6.16 -4.55 -23.02
CA ALA A 441 5.66 -4.72 -21.67
C ALA A 441 5.18 -6.16 -21.50
N TYR A 442 4.32 -6.56 -22.43
CA TYR A 442 3.72 -7.88 -22.41
C TYR A 442 4.78 -8.98 -22.53
N TYR A 443 5.83 -8.75 -23.34
CA TYR A 443 6.87 -9.75 -23.56
C TYR A 443 7.78 -9.88 -22.35
N PHE A 444 8.20 -8.75 -21.76
CA PHE A 444 9.02 -8.81 -20.55
C PHE A 444 8.21 -9.35 -19.39
N GLY A 445 6.93 -8.99 -19.37
CA GLY A 445 6.01 -9.48 -18.37
C GLY A 445 5.92 -11.00 -18.42
N ASN A 446 5.70 -11.53 -19.64
CA ASN A 446 5.63 -12.97 -19.84
C ASN A 446 6.92 -13.61 -19.33
N TYR A 447 8.06 -13.06 -19.76
CA TYR A 447 9.36 -13.58 -19.37
C TYR A 447 9.46 -13.65 -17.84
N HIS A 448 9.17 -12.53 -17.16
CA HIS A 448 9.36 -12.48 -15.70
C HIS A 448 8.38 -13.43 -15.00
N LEU A 449 7.15 -13.48 -15.51
CA LEU A 449 6.12 -14.36 -14.96
C LEU A 449 6.56 -15.83 -15.04
N ASN A 450 7.15 -16.24 -16.17
CA ASN A 450 7.72 -17.58 -16.31
C ASN A 450 8.71 -17.92 -15.21
N TYR A 451 9.65 -17.01 -14.95
CA TYR A 451 10.63 -17.23 -13.89
C TYR A 451 9.90 -17.47 -12.57
N LEU A 452 8.81 -16.74 -12.30
CA LEU A 452 8.17 -16.78 -10.98
C LEU A 452 7.27 -18.00 -10.85
N GLU A 453 6.51 -18.29 -11.92
CA GLU A 453 5.57 -19.41 -11.92
C GLU A 453 6.34 -20.72 -11.77
N SER A 454 7.48 -20.82 -12.46
CA SER A 454 8.30 -22.03 -12.42
C SER A 454 8.83 -22.32 -11.02
N ARG A 455 8.85 -21.35 -10.10
CA ARG A 455 9.33 -21.59 -8.74
C ARG A 455 8.20 -21.62 -7.71
N LEU A 456 7.03 -21.01 -8.02
CA LEU A 456 6.01 -20.72 -7.01
C LEU A 456 4.69 -21.41 -7.34
N LYS A 457 4.38 -21.53 -8.64
CA LYS A 457 3.25 -22.31 -9.14
C LYS A 457 1.95 -21.50 -9.04
N SER A 458 1.44 -21.31 -7.81
CA SER A 458 0.21 -20.58 -7.57
C SER A 458 0.29 -19.16 -8.12
N PRO A 459 -0.76 -18.69 -8.84
CA PRO A 459 -0.77 -17.32 -9.36
C PRO A 459 -0.92 -16.27 -8.27
N LEU A 460 -1.44 -16.66 -7.09
CA LEU A 460 -1.41 -15.76 -5.95
C LEU A 460 0.03 -15.52 -5.49
N PHE A 461 0.76 -16.61 -5.25
CA PHE A 461 2.16 -16.57 -4.85
C PHE A 461 2.98 -15.80 -5.90
N VAL A 462 2.70 -16.06 -7.17
CA VAL A 462 3.37 -15.33 -8.24
C VAL A 462 3.16 -13.83 -8.05
N ALA A 463 1.91 -13.46 -7.72
CA ALA A 463 1.50 -12.06 -7.62
C ALA A 463 2.21 -11.38 -6.45
N TYR A 464 2.29 -12.06 -5.30
CA TYR A 464 3.03 -11.49 -4.19
C TYR A 464 4.47 -11.18 -4.61
N ALA A 465 5.06 -12.03 -5.46
CA ALA A 465 6.47 -11.91 -5.78
C ALA A 465 6.69 -10.92 -6.91
N TYR A 466 5.72 -10.79 -7.82
CA TYR A 466 5.80 -9.76 -8.84
C TYR A 466 5.90 -8.38 -8.17
N ASN A 467 5.18 -8.19 -7.06
CA ASN A 467 5.01 -6.90 -6.41
C ASN A 467 6.14 -6.66 -5.39
N GLY A 468 6.43 -7.67 -4.56
CA GLY A 468 7.36 -7.54 -3.46
C GLY A 468 8.63 -8.39 -3.58
N GLY A 469 8.83 -9.06 -4.73
CA GLY A 469 10.01 -9.86 -4.99
C GLY A 469 9.97 -11.26 -4.39
N ILE A 470 10.78 -12.16 -4.97
CA ILE A 470 10.71 -13.58 -4.69
C ILE A 470 11.39 -13.91 -3.38
N GLY A 471 12.36 -13.06 -2.97
CA GLY A 471 13.04 -13.26 -1.70
C GLY A 471 12.07 -13.22 -0.53
N PHE A 472 11.26 -12.16 -0.53
CA PHE A 472 10.22 -11.94 0.47
C PHE A 472 9.20 -13.08 0.49
N THR A 473 8.75 -13.49 -0.70
CA THR A 473 7.77 -14.57 -0.85
C THR A 473 8.32 -15.90 -0.34
N ASN A 474 9.58 -16.23 -0.69
CA ASN A 474 10.21 -17.47 -0.23
C ASN A 474 10.39 -17.45 1.28
N ARG A 475 10.83 -16.32 1.84
CA ARG A 475 10.97 -16.18 3.29
C ARG A 475 9.64 -16.48 3.98
N MET A 476 8.55 -15.99 3.39
CA MET A 476 7.23 -16.16 3.96
C MET A 476 6.78 -17.61 3.89
N LEU A 477 7.01 -18.29 2.75
CA LEU A 477 6.52 -19.66 2.60
C LEU A 477 7.31 -20.65 3.46
N ALA A 478 8.59 -20.33 3.73
CA ALA A 478 9.42 -21.12 4.63
C ALA A 478 8.85 -21.15 6.06
N ARG A 479 8.15 -20.07 6.47
CA ARG A 479 7.61 -19.97 7.82
C ARG A 479 6.63 -21.11 8.09
N ASN A 480 6.56 -21.51 9.37
CA ASN A 480 5.77 -22.62 9.87
C ASN A 480 4.29 -22.33 9.79
N ASP A 481 3.93 -21.05 9.90
CA ASP A 481 2.60 -20.59 10.23
C ASP A 481 1.94 -19.91 9.04
N MET A 482 2.58 -19.96 7.86
CA MET A 482 2.05 -19.30 6.68
C MET A 482 1.81 -20.36 5.61
N PHE A 483 0.56 -20.37 5.12
CA PHE A 483 0.15 -21.15 3.97
C PHE A 483 0.42 -22.63 4.28
N LYS A 484 0.27 -22.99 5.56
CA LYS A 484 0.25 -24.37 5.99
C LYS A 484 -1.21 -24.75 6.17
N THR A 485 -1.44 -25.95 6.72
CA THR A 485 -2.79 -26.46 6.94
C THR A 485 -3.27 -25.83 8.24
N GLY A 486 -4.59 -25.74 8.38
CA GLY A 486 -5.17 -25.08 9.54
C GLY A 486 -6.65 -24.80 9.33
N LYS A 487 -7.36 -24.67 10.44
CA LYS A 487 -8.79 -24.42 10.49
C LYS A 487 -9.19 -23.33 9.48
N PHE A 488 -8.47 -22.20 9.46
CA PHE A 488 -8.92 -21.04 8.72
C PHE A 488 -8.05 -20.78 7.51
N GLU A 489 -7.35 -21.81 7.05
CA GLU A 489 -6.40 -21.63 5.97
C GLU A 489 -7.09 -21.86 4.64
N PRO A 490 -6.63 -21.23 3.52
CA PRO A 490 -5.50 -20.30 3.53
C PRO A 490 -5.84 -18.83 3.83
N PHE A 491 -7.07 -18.56 4.24
CA PHE A 491 -7.58 -17.19 4.27
C PHE A 491 -6.84 -16.38 5.34
N LEU A 492 -6.48 -17.03 6.45
CA LEU A 492 -5.81 -16.37 7.55
C LEU A 492 -4.43 -15.86 7.11
N SER A 493 -3.68 -16.73 6.44
CA SER A 493 -2.35 -16.40 5.95
C SER A 493 -2.40 -15.23 4.97
N MET A 494 -3.46 -15.18 4.17
CA MET A 494 -3.67 -14.08 3.23
C MET A 494 -3.81 -12.75 3.96
N GLU A 495 -4.26 -12.81 5.23
CA GLU A 495 -4.44 -11.63 6.06
C GLU A 495 -3.11 -11.24 6.73
N LEU A 496 -2.15 -12.17 6.77
CA LEU A 496 -0.92 -12.01 7.53
C LEU A 496 0.31 -11.85 6.64
N VAL A 497 0.12 -11.61 5.35
CA VAL A 497 1.23 -11.30 4.46
C VAL A 497 1.87 -10.00 4.93
N PRO A 498 3.18 -9.96 5.30
CA PRO A 498 3.71 -8.85 6.10
C PRO A 498 3.89 -7.48 5.43
N TYR A 499 3.95 -7.41 4.10
CA TYR A 499 3.91 -6.13 3.40
C TYR A 499 2.46 -5.82 3.01
N GLN A 500 1.92 -4.70 3.50
CA GLN A 500 0.55 -4.30 3.23
C GLN A 500 0.30 -4.16 1.72
N GLU A 501 1.26 -3.57 1.01
CA GLU A 501 1.07 -3.32 -0.41
C GLU A 501 0.83 -4.65 -1.14
N SER A 502 1.58 -5.68 -0.73
CA SER A 502 1.60 -6.98 -1.40
C SER A 502 0.41 -7.84 -1.00
N ARG A 503 -0.02 -7.71 0.28
CA ARG A 503 -1.17 -8.38 0.85
C ARG A 503 -2.45 -8.04 0.07
N ILE A 504 -2.58 -6.76 -0.29
CA ILE A 504 -3.69 -6.19 -1.05
C ILE A 504 -3.59 -6.55 -2.54
N TYR A 505 -2.38 -6.40 -3.07
CA TYR A 505 -2.09 -6.67 -4.48
C TYR A 505 -2.48 -8.11 -4.82
N GLY A 506 -2.13 -9.05 -3.93
CA GLY A 506 -2.41 -10.46 -4.14
C GLY A 506 -3.90 -10.73 -4.35
N LYS A 507 -4.70 -10.24 -3.41
CA LYS A 507 -6.14 -10.38 -3.43
C LYS A 507 -6.69 -9.82 -4.74
N LYS A 508 -6.20 -8.65 -5.15
CA LYS A 508 -6.79 -7.98 -6.29
C LYS A 508 -6.42 -8.68 -7.60
N VAL A 509 -5.17 -9.14 -7.72
CA VAL A 509 -4.70 -9.73 -8.96
C VAL A 509 -5.35 -11.10 -9.13
N LEU A 510 -5.53 -11.78 -7.99
CA LEU A 510 -6.22 -13.06 -7.97
C LEU A 510 -7.64 -12.90 -8.51
N ALA A 511 -8.35 -11.84 -8.11
CA ALA A 511 -9.70 -11.62 -8.59
C ALA A 511 -9.68 -11.28 -10.08
N ASN A 512 -8.67 -10.54 -10.55
CA ASN A 512 -8.57 -10.20 -11.95
C ASN A 512 -8.32 -11.47 -12.78
N TYR A 513 -7.50 -12.38 -12.23
CA TYR A 513 -7.14 -13.66 -12.82
C TYR A 513 -8.36 -14.55 -13.08
N ILE A 514 -9.14 -14.83 -12.02
CA ILE A 514 -10.40 -15.53 -12.13
C ILE A 514 -11.22 -14.93 -13.27
N VAL A 515 -11.41 -13.61 -13.25
CA VAL A 515 -12.28 -12.95 -14.20
C VAL A 515 -11.74 -13.11 -15.61
N TYR A 516 -10.42 -12.97 -15.79
CA TYR A 516 -9.84 -13.03 -17.13
C TYR A 516 -9.87 -14.46 -17.67
N ARG A 517 -9.71 -15.44 -16.79
CA ARG A 517 -9.80 -16.84 -17.19
C ARG A 517 -11.20 -17.15 -17.71
N HIS A 518 -12.21 -16.64 -16.99
CA HIS A 518 -13.59 -16.70 -17.43
C HIS A 518 -13.76 -16.07 -18.81
N LEU A 519 -13.40 -14.78 -18.97
CA LEU A 519 -13.61 -14.12 -20.25
C LEU A 519 -12.88 -14.85 -21.39
N LEU A 520 -11.79 -15.56 -21.06
CA LEU A 520 -10.99 -16.25 -22.08
C LEU A 520 -11.51 -17.66 -22.35
N ASN A 521 -12.71 -17.98 -21.84
CA ASN A 521 -13.30 -19.31 -21.96
C ASN A 521 -12.34 -20.35 -21.43
N ASP A 522 -11.80 -20.09 -20.23
CA ASP A 522 -10.84 -21.00 -19.61
C ASP A 522 -11.04 -20.99 -18.10
N SER A 523 -12.32 -20.94 -17.68
CA SER A 523 -12.79 -20.89 -16.31
C SER A 523 -11.98 -21.80 -15.39
N ILE A 524 -11.86 -21.34 -14.15
CA ILE A 524 -11.40 -22.16 -13.04
C ILE A 524 -12.23 -21.78 -11.83
N LYS A 525 -12.59 -22.78 -11.02
CA LYS A 525 -13.24 -22.53 -9.74
C LYS A 525 -12.20 -21.91 -8.82
N ILE A 526 -12.59 -20.83 -8.12
CA ILE A 526 -11.67 -20.15 -7.22
C ILE A 526 -11.34 -21.03 -6.01
N SER A 527 -12.23 -21.98 -5.67
CA SER A 527 -11.98 -22.95 -4.61
C SER A 527 -10.81 -23.87 -4.93
N ASP A 528 -10.55 -24.11 -6.22
CA ASP A 528 -9.39 -24.89 -6.63
C ASP A 528 -8.10 -24.14 -6.37
N ILE A 529 -8.11 -22.83 -6.66
CA ILE A 529 -7.01 -21.94 -6.34
C ILE A 529 -6.73 -22.04 -4.84
N PHE A 530 -7.77 -21.99 -4.02
CA PHE A 530 -7.55 -21.95 -2.58
C PHE A 530 -7.01 -23.27 -2.04
N GLU A 531 -7.37 -24.42 -2.64
CA GLU A 531 -6.92 -25.72 -2.16
C GLU A 531 -5.41 -25.85 -2.38
N ASN A 532 -4.92 -25.38 -3.54
CA ASN A 532 -3.51 -25.47 -3.91
C ASN A 532 -2.64 -24.43 -3.21
N LEU A 533 -3.19 -23.63 -2.29
CA LEU A 533 -2.38 -22.70 -1.52
C LEU A 533 -1.83 -23.38 -0.27
N ILE A 534 -2.46 -24.48 0.17
CA ILE A 534 -2.13 -25.07 1.45
C ILE A 534 -0.78 -25.80 1.38
#